data_5O5A
#
_entry.id   5O5A
#
_cell.length_a   60.693
_cell.length_b   60.693
_cell.length_c   63.044
_cell.angle_alpha   90.00
_cell.angle_beta   90.00
_cell.angle_gamma   120.00
#
_symmetry.space_group_name_H-M   'P 32 2 1'
#
loop_
_entity.id
_entity.type
_entity.pdbx_description
1 polymer Peregrin
2 non-polymer 'NITRATE ION'
3 non-polymer 1-ethyl-~{N}-methyl-2,3-bis(oxidanylidene)-~{N}-[(1-phenylpyrazol-4-yl)methyl]-4~{H}-quinoxaline-6-carboxamide
4 water water
#
_entity_poly.entity_id   1
_entity_poly.type   'polypeptide(L)'
_entity_poly.pdbx_seq_one_letter_code
;SMEMQLTPFLILLRKTLEQLQEKDTGNIFSEPVPLSEVPDYLDHIKKPMDFFTMKQNLEAYRYLNFDDFEEDFNLIVSNC
LKYNAKDTIFYRAAVRLREQGGAVLRQARRQAEKMG
;
_entity_poly.pdbx_strand_id   A
#
# COMPACT_ATOMS: atom_id res chain seq x y z
N GLU A 3 -10.91 -18.28 -16.64
CA GLU A 3 -10.11 -17.19 -16.11
C GLU A 3 -9.44 -17.64 -14.80
N MET A 4 -8.89 -16.70 -14.05
CA MET A 4 -7.96 -17.03 -12.97
C MET A 4 -8.61 -17.84 -11.86
N GLN A 5 -7.83 -18.78 -11.34
CA GLN A 5 -8.13 -19.36 -10.04
C GLN A 5 -7.81 -18.36 -8.94
N LEU A 6 -8.63 -18.37 -7.90
CA LEU A 6 -8.47 -17.42 -6.82
C LEU A 6 -7.18 -17.68 -6.04
N THR A 7 -6.87 -18.95 -5.73
CA THR A 7 -5.74 -19.22 -4.83
C THR A 7 -4.41 -18.71 -5.38
N PRO A 8 -4.02 -18.99 -6.62
CA PRO A 8 -2.74 -18.43 -7.11
C PRO A 8 -2.71 -16.91 -7.14
N PHE A 9 -3.84 -16.28 -7.47
CA PHE A 9 -3.88 -14.82 -7.44
C PHE A 9 -3.64 -14.30 -6.02
N LEU A 10 -4.26 -14.93 -5.02
CA LEU A 10 -4.03 -14.47 -3.65
C LEU A 10 -2.59 -14.72 -3.21
N ILE A 11 -1.99 -15.84 -3.61
CA ILE A 11 -0.57 -16.07 -3.34
C ILE A 11 0.26 -14.93 -3.94
N LEU A 12 -0.07 -14.53 -5.18
CA LEU A 12 0.67 -13.46 -5.83
C LEU A 12 0.50 -12.13 -5.10
N LEU A 13 -0.74 -11.79 -4.71
CA LEU A 13 -0.91 -10.55 -3.94
C LEU A 13 -0.18 -10.60 -2.60
N ARG A 14 -0.11 -11.78 -1.97
CA ARG A 14 0.63 -11.90 -0.70
C ARG A 14 2.10 -11.61 -0.90
N LYS A 15 2.69 -12.20 -1.94
CA LYS A 15 4.09 -11.96 -2.25
C LYS A 15 4.34 -10.50 -2.59
N THR A 16 3.44 -9.90 -3.38
CA THR A 16 3.57 -8.50 -3.77
C THR A 16 3.50 -7.58 -2.57
N LEU A 17 2.53 -7.83 -1.68
CA LEU A 17 2.42 -7.03 -0.46
C LEU A 17 3.68 -7.13 0.37
N GLU A 18 4.25 -8.35 0.49
CA GLU A 18 5.52 -8.50 1.19
C GLU A 18 6.61 -7.64 0.54
N GLN A 19 6.67 -7.65 -0.79
CA GLN A 19 7.70 -6.87 -1.50
C GLN A 19 7.51 -5.38 -1.29
N LEU A 20 6.26 -4.91 -1.26
CA LEU A 20 6.01 -3.49 -1.04
C LEU A 20 6.39 -3.10 0.39
N GLN A 21 5.97 -3.90 1.37
N GLN A 21 6.00 -3.92 1.37
CA GLN A 21 6.30 -3.62 2.77
CA GLN A 21 6.29 -3.61 2.76
C GLN A 21 7.81 -3.53 2.98
C GLN A 21 7.79 -3.60 3.04
N GLU A 22 8.57 -4.39 2.31
CA GLU A 22 10.02 -4.34 2.51
C GLU A 22 10.67 -3.08 1.91
N LYS A 23 9.97 -2.34 1.04
CA LYS A 23 10.44 -1.02 0.64
C LYS A 23 10.24 0.02 1.72
N ASP A 24 9.36 -0.23 2.69
CA ASP A 24 9.10 0.69 3.79
C ASP A 24 10.09 0.40 4.91
N THR A 25 11.35 0.80 4.67
CA THR A 25 12.40 0.47 5.62
C THR A 25 12.25 1.26 6.92
N GLY A 26 11.72 2.48 6.84
CA GLY A 26 11.38 3.24 8.02
C GLY A 26 10.17 2.70 8.77
N ASN A 27 9.44 1.75 8.20
CA ASN A 27 8.23 1.21 8.81
C ASN A 27 7.31 2.34 9.25
N ILE A 28 7.11 3.31 8.35
CA ILE A 28 6.15 4.37 8.61
C ILE A 28 4.85 4.13 7.91
N PHE A 29 4.73 3.03 7.15
CA PHE A 29 3.53 2.72 6.39
C PHE A 29 2.95 1.37 6.76
N SER A 30 3.50 0.71 7.77
CA SER A 30 3.13 -0.68 8.02
CA SER A 30 3.17 -0.68 8.07
C SER A 30 2.03 -0.84 9.07
N GLU A 31 1.69 0.21 9.79
CA GLU A 31 0.58 0.22 10.74
C GLU A 31 -0.22 1.49 10.54
N PRO A 32 -1.49 1.50 10.95
CA PRO A 32 -2.28 2.74 10.83
C PRO A 32 -1.61 3.91 11.54
N VAL A 33 -1.72 5.09 10.94
CA VAL A 33 -1.23 6.30 11.61
C VAL A 33 -1.88 6.39 12.99
N PRO A 34 -1.11 6.53 14.08
CA PRO A 34 -1.72 6.57 15.41
C PRO A 34 -2.39 7.90 15.70
N LEU A 35 -3.73 7.87 15.66
CA LEU A 35 -4.54 9.08 15.81
C LEU A 35 -4.30 9.79 17.13
N SER A 36 -3.98 9.04 18.18
CA SER A 36 -3.76 9.66 19.48
C SER A 36 -2.56 10.60 19.44
N GLU A 37 -1.55 10.27 18.62
CA GLU A 37 -0.40 11.13 18.45
C GLU A 37 -0.60 12.17 17.36
N VAL A 38 -1.49 11.91 16.42
CA VAL A 38 -1.77 12.83 15.31
C VAL A 38 -3.27 13.16 15.33
N PRO A 39 -3.73 13.99 16.28
CA PRO A 39 -5.19 14.12 16.48
C PRO A 39 -5.93 14.79 15.33
N ASP A 40 -5.25 15.52 14.45
CA ASP A 40 -5.92 16.17 13.33
C ASP A 40 -5.84 15.36 12.04
N TYR A 41 -5.34 14.12 12.12
CA TYR A 41 -5.08 13.35 10.92
C TYR A 41 -6.33 13.17 10.06
N LEU A 42 -7.48 12.89 10.68
CA LEU A 42 -8.66 12.63 9.86
C LEU A 42 -9.46 13.87 9.51
N ASP A 43 -9.09 15.04 10.02
CA ASP A 43 -9.65 16.25 9.45
C ASP A 43 -9.09 16.54 8.07
N HIS A 44 -8.05 15.80 7.66
CA HIS A 44 -7.46 15.94 6.34
C HIS A 44 -7.53 14.68 5.50
N ILE A 45 -7.54 13.51 6.12
CA ILE A 45 -7.44 12.23 5.41
C ILE A 45 -8.78 11.51 5.48
N LYS A 46 -9.40 11.32 4.31
CA LYS A 46 -10.72 10.71 4.27
C LYS A 46 -10.65 9.21 4.56
N LYS A 47 -9.66 8.53 4.00
CA LYS A 47 -9.56 7.07 4.13
C LYS A 47 -8.13 6.68 4.41
N PRO A 48 -7.77 6.51 5.69
CA PRO A 48 -6.42 6.05 6.02
C PRO A 48 -6.15 4.67 5.46
N MET A 49 -4.88 4.40 5.17
CA MET A 49 -4.49 3.09 4.69
C MET A 49 -3.05 2.83 5.13
N ASP A 50 -2.72 1.54 5.24
CA ASP A 50 -1.41 1.06 5.66
C ASP A 50 -1.29 -0.40 5.27
N PHE A 51 -0.07 -0.94 5.36
CA PHE A 51 0.13 -2.29 4.87
C PHE A 51 -0.51 -3.35 5.76
N PHE A 52 -0.59 -3.13 7.08
CA PHE A 52 -1.28 -4.08 7.94
C PHE A 52 -2.75 -4.18 7.58
N THR A 53 -3.40 -3.02 7.41
CA THR A 53 -4.78 -3.02 6.95
C THR A 53 -4.92 -3.71 5.60
N MET A 54 -3.95 -3.49 4.70
CA MET A 54 -4.02 -4.15 3.39
C MET A 54 -3.95 -5.66 3.54
N LYS A 55 -3.13 -6.16 4.47
CA LYS A 55 -3.05 -7.60 4.71
C LYS A 55 -4.37 -8.13 5.23
N GLN A 56 -5.00 -7.40 6.17
N GLN A 56 -4.99 -7.39 6.15
CA GLN A 56 -6.31 -7.77 6.64
CA GLN A 56 -6.31 -7.79 6.64
C GLN A 56 -7.32 -7.82 5.51
C GLN A 56 -7.34 -7.81 5.52
N ASN A 57 -7.29 -6.82 4.62
CA ASN A 57 -8.22 -6.81 3.50
C ASN A 57 -7.95 -7.97 2.55
N LEU A 58 -6.68 -8.26 2.29
CA LEU A 58 -6.32 -9.36 1.40
C LEU A 58 -6.89 -10.67 1.91
N GLU A 59 -6.70 -10.95 3.20
CA GLU A 59 -7.16 -12.20 3.78
C GLU A 59 -8.67 -12.22 4.00
N ALA A 60 -9.33 -11.06 4.00
CA ALA A 60 -10.78 -11.01 3.99
C ALA A 60 -11.36 -11.13 2.59
N TYR A 61 -10.52 -11.38 1.59
CA TYR A 61 -10.94 -11.57 0.21
C TYR A 61 -11.53 -10.29 -0.38
N ARG A 62 -11.02 -9.13 0.06
CA ARG A 62 -11.50 -7.87 -0.45
C ARG A 62 -10.76 -7.39 -1.69
N TYR A 63 -9.65 -8.03 -2.07
CA TYR A 63 -8.93 -7.73 -3.30
C TYR A 63 -9.11 -8.89 -4.25
N LEU A 64 -9.95 -8.72 -5.27
CA LEU A 64 -10.17 -9.76 -6.27
C LEU A 64 -9.67 -9.35 -7.65
N ASN A 65 -9.00 -8.21 -7.75
CA ASN A 65 -8.34 -7.83 -8.99
C ASN A 65 -7.18 -6.94 -8.61
N PHE A 66 -6.26 -6.78 -9.57
CA PHE A 66 -5.07 -6.00 -9.27
C PHE A 66 -5.40 -4.54 -9.01
N ASP A 67 -6.38 -3.99 -9.75
CA ASP A 67 -6.65 -2.57 -9.66
C ASP A 67 -7.06 -2.17 -8.25
N ASP A 68 -7.85 -3.02 -7.58
CA ASP A 68 -8.28 -2.70 -6.21
C ASP A 68 -7.14 -2.81 -5.21
N PHE A 69 -6.26 -3.78 -5.37
CA PHE A 69 -5.06 -3.85 -4.55
C PHE A 69 -4.22 -2.60 -4.74
N GLU A 70 -3.99 -2.23 -5.99
CA GLU A 70 -3.14 -1.08 -6.30
C GLU A 70 -3.78 0.23 -5.84
N GLU A 71 -5.11 0.30 -5.80
CA GLU A 71 -5.81 1.49 -5.31
C GLU A 71 -5.46 1.76 -3.85
N ASP A 72 -5.45 0.71 -3.01
CA ASP A 72 -5.13 0.91 -1.60
C ASP A 72 -3.66 1.24 -1.41
N PHE A 73 -2.77 0.65 -2.20
CA PHE A 73 -1.37 1.06 -2.16
C PHE A 73 -1.24 2.54 -2.51
N ASN A 74 -1.94 2.97 -3.57
CA ASN A 74 -1.85 4.37 -3.97
C ASN A 74 -2.38 5.29 -2.89
N LEU A 75 -3.35 4.82 -2.08
CA LEU A 75 -3.85 5.60 -0.96
C LEU A 75 -2.77 5.82 0.10
N ILE A 76 -1.99 4.78 0.41
CA ILE A 76 -0.90 4.93 1.37
C ILE A 76 -0.01 6.07 0.93
N VAL A 77 0.37 6.08 -0.35
CA VAL A 77 1.24 7.11 -0.89
C VAL A 77 0.56 8.48 -0.87
N SER A 78 -0.65 8.58 -1.46
CA SER A 78 -1.28 9.87 -1.60
CA SER A 78 -1.31 9.86 -1.61
C SER A 78 -1.68 10.47 -0.26
N ASN A 79 -2.08 9.64 0.71
CA ASN A 79 -2.41 10.19 2.04
C ASN A 79 -1.19 10.86 2.65
N CYS A 80 -0.02 10.23 2.50
CA CYS A 80 1.21 10.74 3.09
C CYS A 80 1.66 12.03 2.40
N LEU A 81 1.56 12.06 1.07
CA LEU A 81 1.88 13.29 0.34
C LEU A 81 0.92 14.41 0.73
N LYS A 82 -0.35 14.08 0.98
CA LYS A 82 -1.32 15.12 1.32
C LYS A 82 -1.06 15.68 2.71
N TYR A 83 -0.82 14.80 3.69
CA TYR A 83 -0.77 15.25 5.08
C TYR A 83 0.51 16.01 5.40
N ASN A 84 1.63 15.61 4.80
CA ASN A 84 2.94 16.05 5.26
C ASN A 84 3.51 17.11 4.33
N ALA A 85 4.20 18.08 4.92
CA ALA A 85 4.84 19.13 4.14
C ALA A 85 5.95 18.55 3.27
N LYS A 86 6.23 19.24 2.17
CA LYS A 86 7.17 18.72 1.18
C LYS A 86 8.56 18.57 1.75
N ASP A 87 8.93 19.40 2.73
CA ASP A 87 10.29 19.36 3.27
C ASP A 87 10.46 18.36 4.41
N THR A 88 9.61 17.35 4.51
CA THR A 88 9.71 16.37 5.58
C THR A 88 10.23 15.03 5.06
N ILE A 89 10.79 14.27 6.00
CA ILE A 89 11.16 12.89 5.67
C ILE A 89 9.94 12.09 5.19
N PHE A 90 8.78 12.26 5.85
CA PHE A 90 7.59 11.51 5.49
C PHE A 90 7.24 11.73 4.02
N TYR A 91 7.22 12.99 3.57
CA TYR A 91 6.82 13.27 2.20
C TYR A 91 7.79 12.62 1.23
N ARG A 92 9.09 12.75 1.49
CA ARG A 92 10.06 12.15 0.60
C ARG A 92 9.99 10.64 0.63
N ALA A 93 9.65 10.04 1.78
CA ALA A 93 9.50 8.59 1.86
C ALA A 93 8.33 8.12 1.02
N ALA A 94 7.26 8.90 0.98
CA ALA A 94 6.13 8.56 0.12
C ALA A 94 6.50 8.64 -1.36
N VAL A 95 7.27 9.66 -1.76
CA VAL A 95 7.77 9.74 -3.12
C VAL A 95 8.60 8.51 -3.47
N ARG A 96 9.48 8.11 -2.55
CA ARG A 96 10.31 6.94 -2.79
C ARG A 96 9.46 5.68 -2.90
N LEU A 97 8.47 5.56 -2.03
CA LEU A 97 7.59 4.38 -2.07
C LEU A 97 6.82 4.35 -3.38
N ARG A 98 6.34 5.51 -3.85
CA ARG A 98 5.64 5.57 -5.12
C ARG A 98 6.51 5.05 -6.25
N GLU A 99 7.79 5.44 -6.26
CA GLU A 99 8.73 5.01 -7.28
C GLU A 99 9.02 3.52 -7.15
N GLN A 100 9.48 3.11 -5.96
CA GLN A 100 9.88 1.71 -5.80
C GLN A 100 8.69 0.77 -5.85
N GLY A 101 7.58 1.16 -5.21
CA GLY A 101 6.39 0.34 -5.25
C GLY A 101 5.80 0.20 -6.64
N GLY A 102 5.84 1.27 -7.43
CA GLY A 102 5.35 1.19 -8.79
C GLY A 102 6.05 0.13 -9.60
N ALA A 103 7.36 -0.01 -9.41
CA ALA A 103 8.12 -1.04 -10.11
C ALA A 103 7.70 -2.44 -9.66
N VAL A 104 7.56 -2.64 -8.34
CA VAL A 104 7.06 -3.91 -7.82
C VAL A 104 5.70 -4.25 -8.42
N LEU A 105 4.80 -3.25 -8.52
CA LEU A 105 3.45 -3.50 -8.98
C LEU A 105 3.41 -3.82 -10.47
N ARG A 106 4.25 -3.16 -11.26
N ARG A 106 4.24 -3.13 -11.26
CA ARG A 106 4.28 -3.47 -12.70
CA ARG A 106 4.33 -3.44 -12.68
C ARG A 106 4.71 -4.90 -12.92
C ARG A 106 4.71 -4.90 -12.90
N GLN A 107 5.71 -5.37 -12.17
CA GLN A 107 6.16 -6.75 -12.32
C GLN A 107 5.10 -7.73 -11.84
N ALA A 108 4.42 -7.41 -10.74
CA ALA A 108 3.38 -8.31 -10.26
C ALA A 108 2.22 -8.40 -11.24
N ARG A 109 1.87 -7.27 -11.86
CA ARG A 109 0.82 -7.29 -12.89
C ARG A 109 1.23 -8.17 -14.05
N ARG A 110 2.50 -8.12 -14.43
CA ARG A 110 3.00 -8.99 -15.50
C ARG A 110 2.81 -10.46 -15.16
N GLN A 111 3.15 -10.84 -13.93
CA GLN A 111 2.98 -12.24 -13.53
C GLN A 111 1.51 -12.62 -13.44
N ALA A 112 0.64 -11.67 -13.09
CA ALA A 112 -0.79 -11.97 -13.07
C ALA A 112 -1.33 -12.19 -14.47
N GLU A 113 -0.82 -11.40 -15.44
CA GLU A 113 -1.26 -11.52 -16.82
C GLU A 113 -0.89 -12.86 -17.44
N LYS A 114 -0.07 -13.66 -16.76
CA LYS A 114 0.12 -15.05 -17.18
C LYS A 114 -1.06 -15.92 -16.79
N MET A 115 -1.60 -15.70 -15.60
CA MET A 115 -2.71 -16.49 -15.06
C MET A 115 -3.93 -16.46 -15.96
#